data_2OVB
#
_entry.id   2OVB
#
_cell.length_a   88.733
_cell.length_b   88.733
_cell.length_c   169.691
_cell.angle_alpha   90.00
_cell.angle_beta   90.00
_cell.angle_gamma   120.00
#
_symmetry.space_group_name_H-M   'P 61 2 2'
#
loop_
_entity.id
_entity.type
_entity.pdbx_description
1 polymer StaL
2 non-polymer 'SULFATE ION'
3 water water
#
_entity_poly.entity_id   1
_entity_poly.type   'polypeptide(L)'
_entity_poly.pdbx_seq_one_letter_code
;MGSSHHHHHHSSGLVPRGSHMMCWIASYPKAGGHWLRCMLTSYVTGEPVETWPGIQAGVPHLEGLLRDGEAPSADPDEQV
LLATHFTADRPVLRFYRESTAKVVCLIRNPRDAMLSLMRMKGIPPEDVEACRKIAETFIADEGFSSVRIWAGEGSWPENI
RSWTDSVHESFPNAAVLAVRYEDLRKDPEGELWKVVDFLELGGRDGVADAVANCTLERMREMEERSKLLGLETTGLMTRG
GKQLPFVGKGGQRKSLKFMGDDIEKAYADLLHGETDFAHYARLYGYAE
;
_entity_poly.pdbx_strand_id   A
#
loop_
_chem_comp.id
_chem_comp.type
_chem_comp.name
_chem_comp.formula
SO4 non-polymer 'SULFATE ION' 'O4 S -2'
#
# COMPACT_ATOMS: atom_id res chain seq x y z
N MET A 21 -20.88 -6.18 3.60
CA MET A 21 -19.98 -5.35 4.47
C MET A 21 -18.72 -4.80 3.77
N MET A 22 -18.20 -3.73 4.35
CA MET A 22 -17.11 -2.94 3.79
C MET A 22 -15.73 -3.54 4.10
N CYS A 23 -14.89 -3.64 3.06
CA CYS A 23 -13.50 -4.08 3.20
C CYS A 23 -12.50 -3.06 2.67
N TRP A 24 -11.30 -3.08 3.24
CA TRP A 24 -10.23 -2.17 2.83
C TRP A 24 -8.94 -2.88 2.55
N ILE A 25 -8.29 -2.47 1.47
CA ILE A 25 -6.87 -2.72 1.29
C ILE A 25 -6.19 -1.45 1.75
N ALA A 26 -5.70 -1.46 2.98
CA ALA A 26 -4.99 -0.32 3.54
C ALA A 26 -3.52 -0.54 3.27
N SER A 27 -2.78 0.54 3.00
CA SER A 27 -1.37 0.45 2.67
C SER A 27 -0.78 1.84 2.70
N TYR A 28 0.40 1.96 3.29
CA TYR A 28 1.14 3.21 3.31
C TYR A 28 1.72 3.39 1.92
N PRO A 29 1.90 4.65 1.45
CA PRO A 29 2.36 4.84 0.06
C PRO A 29 3.58 3.98 -0.33
N LYS A 30 3.62 3.51 -1.58
CA LYS A 30 4.79 2.79 -2.10
C LYS A 30 4.94 1.36 -1.55
N ALA A 31 3.96 0.91 -0.76
CA ALA A 31 3.94 -0.45 -0.20
C ALA A 31 3.63 -1.55 -1.23
N GLY A 32 3.24 -1.17 -2.45
CA GLY A 32 2.81 -2.17 -3.46
C GLY A 32 1.30 -2.21 -3.64
N GLY A 33 0.61 -1.11 -3.31
CA GLY A 33 -0.84 -1.03 -3.45
C GLY A 33 -1.32 -1.41 -4.84
N HIS A 34 -0.76 -0.76 -5.87
CA HIS A 34 -1.19 -0.98 -7.26
C HIS A 34 -1.12 -2.46 -7.69
N TRP A 35 -0.04 -3.12 -7.29
CA TRP A 35 0.17 -4.50 -7.63
C TRP A 35 -0.85 -5.44 -6.96
N LEU A 36 -1.00 -5.32 -5.64
CA LEU A 36 -1.98 -6.13 -4.92
C LEU A 36 -3.40 -5.86 -5.40
N ARG A 37 -3.74 -4.60 -5.60
CA ARG A 37 -5.06 -4.25 -6.15
C ARG A 37 -5.29 -4.79 -7.56
N CYS A 38 -4.24 -4.79 -8.38
CA CYS A 38 -4.30 -5.37 -9.73
C CYS A 38 -4.50 -6.89 -9.71
N MET A 39 -3.75 -7.58 -8.85
CA MET A 39 -3.94 -9.01 -8.67
C MET A 39 -5.37 -9.34 -8.20
N LEU A 40 -5.89 -8.57 -7.25
CA LEU A 40 -7.24 -8.82 -6.73
C LEU A 40 -8.34 -8.60 -7.78
N THR A 41 -8.10 -7.62 -8.67
CA THR A 41 -8.98 -7.38 -9.80
C THR A 41 -8.93 -8.52 -10.84
N SER A 42 -7.74 -8.93 -11.28
CA SER A 42 -7.67 -10.04 -12.25
C SER A 42 -8.19 -11.36 -11.64
N TYR A 43 -7.88 -11.62 -10.38
CA TYR A 43 -8.51 -12.76 -9.71
C TYR A 43 -10.04 -12.72 -9.79
N VAL A 44 -10.65 -11.65 -9.26
CA VAL A 44 -12.13 -11.47 -9.31
C VAL A 44 -12.65 -11.56 -10.74
N THR A 45 -11.98 -10.89 -11.68
CA THR A 45 -12.36 -10.95 -13.10
C THR A 45 -12.19 -12.34 -13.70
N GLY A 46 -11.11 -13.04 -13.36
CA GLY A 46 -10.68 -14.24 -14.06
C GLY A 46 -9.96 -13.89 -15.36
N GLU A 47 -9.83 -12.60 -15.65
CA GLU A 47 -9.13 -12.10 -16.84
C GLU A 47 -8.03 -11.10 -16.44
N PRO A 48 -6.96 -11.00 -17.25
CA PRO A 48 -5.96 -9.93 -17.04
C PRO A 48 -6.58 -8.53 -17.09
N VAL A 49 -5.88 -7.55 -16.53
CA VAL A 49 -6.37 -6.18 -16.48
C VAL A 49 -5.81 -5.41 -17.66
N GLU A 50 -6.69 -5.10 -18.62
CA GLU A 50 -6.29 -4.60 -19.93
C GLU A 50 -5.65 -3.22 -19.91
N THR A 51 -6.17 -2.35 -19.05
CA THR A 51 -5.72 -0.96 -19.02
C THR A 51 -5.58 -0.51 -17.58
N TRP A 52 -4.67 0.43 -17.35
CA TRP A 52 -4.41 0.92 -16.00
C TRP A 52 -5.70 1.25 -15.22
N PRO A 53 -6.59 2.09 -15.77
CA PRO A 53 -7.88 2.39 -15.12
C PRO A 53 -8.65 1.18 -14.63
N GLY A 54 -8.33 0.00 -15.15
CA GLY A 54 -8.89 -1.25 -14.62
C GLY A 54 -8.57 -1.47 -13.14
N ILE A 55 -7.44 -0.95 -12.66
CA ILE A 55 -7.14 -1.04 -11.23
C ILE A 55 -8.12 -0.21 -10.37
N GLN A 56 -8.32 1.05 -10.73
CA GLN A 56 -9.27 1.91 -10.04
C GLN A 56 -10.71 1.39 -10.13
N ALA A 57 -11.05 0.74 -11.24
CA ALA A 57 -12.38 0.13 -11.38
C ALA A 57 -12.55 -1.15 -10.53
N GLY A 58 -11.49 -1.96 -10.45
CA GLY A 58 -11.53 -3.22 -9.70
C GLY A 58 -11.49 -3.10 -8.18
N VAL A 59 -10.61 -2.23 -7.67
CA VAL A 59 -10.49 -1.99 -6.24
C VAL A 59 -10.27 -0.48 -6.09
N PRO A 60 -11.38 0.29 -6.09
CA PRO A 60 -11.27 1.74 -6.09
C PRO A 60 -10.46 2.27 -4.89
N HIS A 61 -9.53 3.18 -5.20
CA HIS A 61 -8.74 3.93 -4.24
C HIS A 61 -9.62 5.09 -3.77
N LEU A 62 -9.99 5.09 -2.49
CA LEU A 62 -10.93 6.10 -1.97
C LEU A 62 -10.55 7.55 -2.33
N GLU A 63 -9.27 7.90 -2.17
CA GLU A 63 -8.80 9.25 -2.52
C GLU A 63 -9.20 9.61 -3.94
N GLY A 64 -8.95 8.68 -4.86
CA GLY A 64 -9.44 8.76 -6.24
C GLY A 64 -10.92 9.08 -6.32
N LEU A 65 -11.76 8.28 -5.67
CA LEU A 65 -13.20 8.53 -5.67
C LEU A 65 -13.58 9.91 -5.13
N LEU A 66 -12.99 10.30 -4.01
CA LEU A 66 -13.25 11.60 -3.38
C LEU A 66 -12.92 12.76 -4.30
N ARG A 67 -11.80 12.64 -5.02
CA ARG A 67 -11.40 13.66 -5.98
C ARG A 67 -12.50 13.96 -7.01
N ASP A 68 -13.25 12.93 -7.42
CA ASP A 68 -14.35 13.11 -8.37
C ASP A 68 -15.66 13.48 -7.74
N GLY A 69 -15.70 13.55 -6.41
CA GLY A 69 -16.96 13.77 -5.72
C GLY A 69 -17.78 12.51 -5.53
N GLU A 70 -17.20 11.34 -5.80
CA GLU A 70 -17.84 10.08 -5.45
C GLU A 70 -17.69 9.88 -3.95
N ALA A 71 -18.47 8.98 -3.40
CA ALA A 71 -18.35 8.56 -2.01
C ALA A 71 -19.24 7.35 -1.89
N PRO A 72 -18.63 6.15 -1.86
CA PRO A 72 -19.36 4.88 -1.85
C PRO A 72 -20.33 4.77 -0.70
N SER A 73 -21.39 3.99 -0.91
CA SER A 73 -22.40 3.76 0.12
C SER A 73 -21.80 3.30 1.45
N ALA A 74 -22.23 3.96 2.52
CA ALA A 74 -22.03 3.47 3.88
C ALA A 74 -23.03 2.35 4.05
N ASP A 75 -22.61 1.26 4.68
CA ASP A 75 -23.51 0.12 4.91
C ASP A 75 -24.05 -0.50 3.61
N PRO A 76 -23.15 -0.96 2.71
CA PRO A 76 -23.61 -1.74 1.55
C PRO A 76 -24.15 -3.10 2.00
N ASP A 77 -24.98 -3.73 1.17
CA ASP A 77 -25.57 -5.04 1.53
C ASP A 77 -24.68 -6.21 1.09
N GLU A 78 -24.04 -6.06 -0.06
CA GLU A 78 -23.02 -7.01 -0.51
C GLU A 78 -21.62 -6.47 -0.20
N GLN A 79 -20.60 -7.32 -0.35
CA GLN A 79 -19.23 -6.97 -0.07
C GLN A 79 -18.67 -5.95 -1.05
N VAL A 80 -18.12 -4.87 -0.49
CA VAL A 80 -17.42 -3.85 -1.26
C VAL A 80 -15.96 -3.80 -0.83
N LEU A 81 -15.09 -3.86 -1.83
CA LEU A 81 -13.65 -3.82 -1.62
C LEU A 81 -13.08 -2.46 -2.08
N LEU A 82 -12.59 -1.67 -1.12
CA LEU A 82 -11.98 -0.38 -1.43
C LEU A 82 -10.54 -0.37 -0.94
N ALA A 83 -9.76 0.63 -1.35
CA ALA A 83 -8.37 0.79 -0.94
C ALA A 83 -8.10 2.24 -0.51
N THR A 84 -7.08 2.48 0.30
CA THR A 84 -6.77 3.83 0.74
C THR A 84 -5.36 3.88 1.36
N HIS A 85 -4.73 5.07 1.41
CA HIS A 85 -3.50 5.28 2.21
C HIS A 85 -3.78 6.06 3.49
N PHE A 86 -4.98 6.64 3.59
CA PHE A 86 -5.40 7.29 4.84
C PHE A 86 -5.14 6.39 6.06
N THR A 87 -4.81 6.99 7.20
CA THR A 87 -4.90 6.27 8.46
C THR A 87 -6.38 6.00 8.75
N ALA A 88 -6.64 4.93 9.48
CA ALA A 88 -8.01 4.49 9.78
C ALA A 88 -8.88 5.56 10.45
N ASP A 89 -8.23 6.51 11.15
CA ASP A 89 -8.91 7.53 11.94
C ASP A 89 -9.19 8.86 11.23
N ARG A 90 -8.95 8.94 9.94
CA ARG A 90 -9.30 10.18 9.24
C ARG A 90 -10.82 10.39 9.33
N PRO A 91 -11.26 11.64 9.62
CA PRO A 91 -12.71 11.88 9.73
C PRO A 91 -13.55 11.34 8.58
N VAL A 92 -13.06 11.41 7.34
CA VAL A 92 -13.84 10.96 6.18
C VAL A 92 -14.22 9.48 6.21
N LEU A 93 -13.46 8.69 6.97
CA LEU A 93 -13.70 7.25 7.03
C LEU A 93 -14.78 6.92 8.07
N ARG A 94 -15.23 7.93 8.83
CA ARG A 94 -16.14 7.68 9.95
C ARG A 94 -17.45 7.10 9.40
N PHE A 95 -17.86 7.56 8.22
CA PHE A 95 -19.06 7.03 7.57
C PHE A 95 -19.05 5.50 7.43
N TYR A 96 -17.88 4.89 7.55
CA TYR A 96 -17.77 3.44 7.39
C TYR A 96 -17.44 2.75 8.69
N ARG A 97 -17.54 3.50 9.78
CA ARG A 97 -17.18 3.05 11.13
C ARG A 97 -17.77 1.69 11.46
N GLU A 98 -19.10 1.60 11.32
CA GLU A 98 -19.84 0.40 11.74
C GLU A 98 -19.90 -0.65 10.63
N SER A 99 -19.86 -0.22 9.37
CA SER A 99 -20.00 -1.15 8.24
C SER A 99 -18.72 -1.87 7.84
N THR A 100 -17.59 -1.40 8.35
CA THR A 100 -16.30 -2.01 8.03
C THR A 100 -16.16 -3.36 8.72
N ALA A 101 -16.11 -4.42 7.92
CA ALA A 101 -15.91 -5.78 8.46
C ALA A 101 -14.46 -6.28 8.41
N LYS A 102 -13.73 -5.98 7.33
CA LYS A 102 -12.38 -6.53 7.11
C LYS A 102 -11.37 -5.49 6.60
N VAL A 103 -10.11 -5.71 6.95
CA VAL A 103 -9.03 -4.88 6.52
C VAL A 103 -7.89 -5.81 6.16
N VAL A 104 -7.32 -5.60 4.97
CA VAL A 104 -6.04 -6.18 4.62
C VAL A 104 -5.01 -5.08 4.72
N CYS A 105 -4.10 -5.19 5.67
CA CYS A 105 -3.10 -4.16 5.81
C CYS A 105 -1.77 -4.53 5.11
N LEU A 106 -1.54 -3.96 3.92
CA LEU A 106 -0.31 -4.20 3.15
C LEU A 106 0.86 -3.33 3.62
N ILE A 107 1.93 -4.01 4.02
CA ILE A 107 3.06 -3.37 4.67
C ILE A 107 4.35 -3.64 3.88
N ARG A 108 5.23 -2.63 3.80
CA ARG A 108 6.52 -2.80 3.15
C ARG A 108 7.68 -2.23 3.97
N ASN A 109 8.87 -2.80 3.81
CA ASN A 109 10.08 -2.27 4.43
C ASN A 109 10.18 -0.76 4.22
N PRO A 110 10.28 0.01 5.32
CA PRO A 110 10.36 1.48 5.22
C PRO A 110 11.58 1.98 4.43
N ARG A 111 12.66 1.21 4.45
CA ARG A 111 13.87 1.52 3.70
C ARG A 111 13.56 1.59 2.19
N ASP A 112 12.80 0.60 1.71
CA ASP A 112 12.50 0.51 0.31
C ASP A 112 11.46 1.56 -0.13
N ALA A 113 10.47 1.82 0.74
CA ALA A 113 9.52 2.91 0.49
C ALA A 113 10.22 4.23 0.20
N MET A 114 11.19 4.56 1.03
CA MET A 114 11.97 5.77 0.89
C MET A 114 12.77 5.81 -0.42
N LEU A 115 13.36 4.67 -0.82
CA LEU A 115 14.05 4.55 -2.09
C LEU A 115 13.06 4.64 -3.26
N SER A 116 11.87 4.07 -3.06
CA SER A 116 10.80 4.05 -4.06
C SER A 116 10.36 5.47 -4.43
N LEU A 117 10.24 6.35 -3.43
CA LEU A 117 9.93 7.77 -3.69
C LEU A 117 11.00 8.40 -4.57
N MET A 118 12.26 8.03 -4.33
CA MET A 118 13.37 8.58 -5.13
C MET A 118 13.22 8.17 -6.60
N ARG A 119 12.90 6.90 -6.84
CA ARG A 119 12.69 6.37 -8.19
C ARG A 119 11.52 7.01 -8.92
N MET A 120 10.36 7.10 -8.26
CA MET A 120 9.14 7.60 -8.92
C MET A 120 9.29 9.10 -9.23
N LYS A 121 10.22 9.74 -8.54
CA LYS A 121 10.52 11.15 -8.69
C LYS A 121 11.66 11.39 -9.68
N GLY A 122 12.17 10.29 -10.27
CA GLY A 122 13.17 10.34 -11.33
C GLY A 122 14.58 10.73 -10.90
N ILE A 123 14.88 10.55 -9.61
CA ILE A 123 16.19 10.90 -9.07
C ILE A 123 17.17 9.72 -9.10
N PRO A 124 18.25 9.85 -9.91
CA PRO A 124 19.24 8.78 -10.07
C PRO A 124 20.11 8.59 -8.81
N PRO A 125 20.68 7.39 -8.61
CA PRO A 125 21.63 7.21 -7.51
C PRO A 125 22.96 7.91 -7.77
N GLU A 126 22.89 9.20 -8.13
CA GLU A 126 24.08 10.02 -8.36
C GLU A 126 23.76 11.49 -8.15
N ASP A 127 22.53 11.75 -7.73
CA ASP A 127 22.15 13.05 -7.22
C ASP A 127 22.02 12.89 -5.70
N VAL A 128 23.16 12.58 -5.09
CA VAL A 128 23.25 12.32 -3.65
C VAL A 128 22.70 13.48 -2.82
N GLU A 129 23.04 14.72 -3.21
CA GLU A 129 22.52 15.91 -2.54
C GLU A 129 21.00 15.81 -2.34
N ALA A 130 20.29 15.61 -3.45
CA ALA A 130 18.83 15.55 -3.46
C ALA A 130 18.26 14.33 -2.75
N CYS A 131 18.96 13.19 -2.86
CA CYS A 131 18.59 11.97 -2.15
C CYS A 131 18.69 12.11 -0.63
N ARG A 132 19.79 12.71 -0.18
CA ARG A 132 20.00 13.00 1.24
C ARG A 132 18.86 13.83 1.84
N LYS A 133 18.35 14.79 1.07
CA LYS A 133 17.25 15.63 1.52
C LYS A 133 15.95 14.81 1.72
N ILE A 134 15.73 13.82 0.85
CA ILE A 134 14.58 12.92 0.98
C ILE A 134 14.72 11.97 2.18
N ALA A 135 15.89 11.35 2.33
CA ALA A 135 16.11 10.40 3.42
C ALA A 135 16.14 11.08 4.80
N GLU A 136 16.61 12.32 4.86
CA GLU A 136 16.66 13.04 6.12
C GLU A 136 15.27 13.49 6.55
N THR A 137 14.47 13.90 5.58
CA THR A 137 13.07 14.26 5.83
C THR A 137 12.24 13.05 6.24
N PHE A 138 12.48 11.91 5.57
CA PHE A 138 11.77 10.66 5.86
C PHE A 138 12.11 10.15 7.26
N ILE A 139 13.40 10.19 7.61
CA ILE A 139 13.86 9.82 8.95
C ILE A 139 13.25 10.73 10.05
N ALA A 140 13.25 12.04 9.84
CA ALA A 140 12.69 12.98 10.83
C ALA A 140 11.16 12.88 10.94
N ASP A 141 10.50 12.62 9.81
CA ASP A 141 9.04 12.47 9.79
C ASP A 141 8.58 11.06 10.17
N GLU A 142 9.50 10.09 10.08
CA GLU A 142 9.18 8.68 10.29
C GLU A 142 8.20 8.23 9.21
N GLY A 143 8.32 8.82 8.04
CA GLY A 143 7.44 8.51 6.92
C GLY A 143 7.39 9.62 5.88
N PHE A 144 6.21 9.82 5.29
CA PHE A 144 6.07 10.68 4.13
C PHE A 144 5.36 12.01 4.38
N SER A 145 5.22 12.39 5.66
CA SER A 145 4.40 13.56 6.02
C SER A 145 4.66 14.82 5.19
N SER A 146 5.91 15.06 4.81
CA SER A 146 6.32 16.30 4.12
C SER A 146 6.19 16.22 2.60
N VAL A 147 6.03 15.01 2.07
CA VAL A 147 5.83 14.79 0.64
C VAL A 147 4.39 15.15 0.32
N ARG A 148 4.22 16.13 -0.56
CA ARG A 148 2.91 16.70 -0.89
C ARG A 148 2.11 15.79 -1.80
N ILE A 149 2.78 14.83 -2.44
CA ILE A 149 2.08 13.88 -3.34
C ILE A 149 0.85 13.28 -2.64
N TRP A 150 0.98 12.94 -1.36
CA TRP A 150 -0.07 12.27 -0.60
C TRP A 150 -0.51 13.10 0.59
N ALA A 151 -1.73 12.86 1.06
CA ALA A 151 -2.22 13.54 2.24
C ALA A 151 -2.98 12.57 3.15
N GLY A 152 -2.97 12.88 4.44
CA GLY A 152 -3.74 12.10 5.41
C GLY A 152 -3.22 10.71 5.71
N GLU A 153 -2.03 10.38 5.17
CA GLU A 153 -1.42 9.05 5.39
C GLU A 153 -0.68 8.89 6.74
N GLY A 154 -0.44 10.00 7.45
CA GLY A 154 0.36 10.03 8.69
C GLY A 154 1.77 9.46 8.51
N SER A 155 2.45 9.20 9.62
CA SER A 155 3.74 8.52 9.57
C SER A 155 3.52 7.02 9.41
N TRP A 156 4.60 6.30 9.13
CA TRP A 156 4.57 4.86 8.88
C TRP A 156 4.02 4.02 10.05
N PRO A 157 4.53 4.23 11.29
CA PRO A 157 3.92 3.49 12.42
C PRO A 157 2.50 3.96 12.78
N GLU A 158 2.23 5.26 12.65
CA GLU A 158 0.88 5.77 12.86
C GLU A 158 -0.10 5.08 11.92
N ASN A 159 0.29 4.98 10.65
CA ASN A 159 -0.56 4.32 9.68
C ASN A 159 -0.86 2.87 10.04
N ILE A 160 0.19 2.12 10.38
CA ILE A 160 0.04 0.69 10.66
C ILE A 160 -0.75 0.48 11.95
N ARG A 161 -0.36 1.20 13.01
CA ARG A 161 -1.09 1.08 14.25
C ARG A 161 -2.59 1.28 13.98
N SER A 162 -2.92 2.35 13.26
CA SER A 162 -4.32 2.70 13.07
C SER A 162 -5.14 1.60 12.38
N TRP A 163 -4.52 0.87 11.47
CA TRP A 163 -5.16 -0.24 10.73
C TRP A 163 -4.99 -1.61 11.40
N THR A 164 -4.13 -1.68 12.43
CA THR A 164 -3.89 -2.95 13.09
C THR A 164 -4.26 -2.92 14.58
N ASP A 165 -3.30 -2.61 15.44
CA ASP A 165 -3.54 -2.72 16.88
C ASP A 165 -4.68 -1.82 17.36
N SER A 166 -4.81 -0.62 16.79
CA SER A 166 -5.90 0.27 17.18
C SER A 166 -7.08 0.34 16.20
N VAL A 167 -7.22 -0.65 15.31
CA VAL A 167 -8.29 -0.63 14.32
C VAL A 167 -9.69 -0.49 14.92
N HIS A 168 -9.93 -1.11 16.07
CA HIS A 168 -11.25 -1.09 16.69
C HIS A 168 -11.63 0.30 17.16
N GLU A 169 -10.62 1.17 17.33
CA GLU A 169 -10.88 2.56 17.66
C GLU A 169 -11.64 3.27 16.53
N SER A 170 -11.35 2.89 15.28
CA SER A 170 -11.97 3.47 14.08
C SER A 170 -13.07 2.59 13.48
N PHE A 171 -12.87 1.27 13.54
CA PHE A 171 -13.81 0.30 12.97
C PHE A 171 -14.03 -0.85 13.95
N PRO A 172 -14.97 -0.67 14.90
CA PRO A 172 -15.19 -1.57 16.05
C PRO A 172 -15.51 -3.02 15.67
N ASN A 173 -16.00 -3.24 14.45
CA ASN A 173 -16.39 -4.59 14.02
C ASN A 173 -15.37 -5.29 13.12
N ALA A 174 -14.20 -4.68 12.94
CA ALA A 174 -13.23 -5.14 11.92
C ALA A 174 -12.28 -6.24 12.39
N ALA A 175 -12.07 -7.21 11.50
CA ALA A 175 -10.97 -8.16 11.62
C ALA A 175 -9.88 -7.71 10.63
N VAL A 176 -8.63 -7.97 10.97
CA VAL A 176 -7.51 -7.47 10.18
C VAL A 176 -6.53 -8.58 9.83
N LEU A 177 -6.00 -8.54 8.61
CA LEU A 177 -4.90 -9.43 8.18
C LEU A 177 -3.79 -8.59 7.58
N ALA A 178 -2.59 -8.67 8.19
CA ALA A 178 -1.40 -8.05 7.62
C ALA A 178 -0.79 -8.92 6.52
N VAL A 179 -0.20 -8.25 5.52
CA VAL A 179 0.59 -8.94 4.52
C VAL A 179 1.78 -8.04 4.15
N ARG A 180 2.96 -8.62 4.16
CA ARG A 180 4.16 -7.88 3.80
C ARG A 180 4.38 -8.01 2.31
N TYR A 181 4.74 -6.87 1.69
CA TYR A 181 5.16 -6.82 0.31
C TYR A 181 6.25 -7.88 0.04
N GLU A 182 7.22 -8.02 0.96
CA GLU A 182 8.35 -8.96 0.77
C GLU A 182 7.91 -10.44 0.71
N ASP A 183 6.88 -10.79 1.48
CA ASP A 183 6.29 -12.14 1.39
C ASP A 183 5.47 -12.36 0.14
N LEU A 184 4.73 -11.33 -0.29
CA LEU A 184 4.09 -11.33 -1.60
C LEU A 184 5.09 -11.55 -2.73
N ARG A 185 6.23 -10.87 -2.69
CA ARG A 185 7.23 -11.01 -3.75
C ARG A 185 7.94 -12.37 -3.75
N LYS A 186 8.22 -12.91 -2.56
CA LYS A 186 8.87 -14.22 -2.41
C LYS A 186 7.97 -15.38 -2.82
N ASP A 187 6.69 -15.32 -2.46
CA ASP A 187 5.72 -16.38 -2.75
C ASP A 187 4.36 -15.77 -3.13
N PRO A 188 4.22 -15.28 -4.38
CA PRO A 188 3.04 -14.53 -4.79
C PRO A 188 1.72 -15.29 -4.72
N GLU A 189 1.69 -16.52 -5.22
CA GLU A 189 0.45 -17.30 -5.20
C GLU A 189 0.05 -17.79 -3.80
N GLY A 190 1.03 -18.01 -2.93
CA GLY A 190 0.76 -18.46 -1.57
C GLY A 190 0.16 -17.36 -0.72
N GLU A 191 0.81 -16.19 -0.75
CA GLU A 191 0.36 -15.03 0.01
C GLU A 191 -0.89 -14.38 -0.57
N LEU A 192 -1.05 -14.39 -1.90
CA LEU A 192 -2.29 -13.86 -2.50
C LEU A 192 -3.51 -14.66 -2.03
N TRP A 193 -3.36 -15.99 -1.99
CA TRP A 193 -4.41 -16.88 -1.49
C TRP A 193 -4.83 -16.55 -0.06
N LYS A 194 -3.85 -16.28 0.81
CA LYS A 194 -4.13 -15.87 2.19
C LYS A 194 -5.11 -14.69 2.19
N VAL A 195 -4.86 -13.75 1.28
CA VAL A 195 -5.67 -12.54 1.08
C VAL A 195 -7.03 -12.87 0.47
N VAL A 196 -7.01 -13.61 -0.64
CA VAL A 196 -8.25 -14.03 -1.32
C VAL A 196 -9.15 -14.82 -0.36
N ASP A 197 -8.56 -15.72 0.41
CA ASP A 197 -9.29 -16.56 1.34
C ASP A 197 -9.87 -15.74 2.49
N PHE A 198 -9.05 -14.83 3.03
CA PHE A 198 -9.47 -13.97 4.14
C PHE A 198 -10.61 -13.03 3.72
N LEU A 199 -10.52 -12.52 2.49
CA LEU A 199 -11.58 -11.66 1.95
C LEU A 199 -12.80 -12.45 1.45
N GLU A 200 -12.63 -13.79 1.38
CA GLU A 200 -13.68 -14.74 0.96
C GLU A 200 -14.21 -14.48 -0.45
N LEU A 201 -13.28 -14.39 -1.40
CA LEU A 201 -13.63 -14.08 -2.78
C LEU A 201 -13.81 -15.35 -3.61
N GLY A 202 -13.43 -16.50 -3.05
CA GLY A 202 -13.59 -17.78 -3.76
C GLY A 202 -12.44 -18.75 -3.58
N GLY A 203 -12.37 -19.73 -4.47
CA GLY A 203 -11.41 -20.81 -4.39
C GLY A 203 -9.99 -20.42 -4.74
N ARG A 204 -9.06 -21.34 -4.47
CA ARG A 204 -7.64 -21.09 -4.72
C ARG A 204 -7.27 -21.32 -6.19
N ASP A 205 -8.21 -21.84 -6.99
CA ASP A 205 -7.94 -22.21 -8.38
C ASP A 205 -7.43 -21.03 -9.21
N GLY A 206 -8.13 -19.89 -9.13
CA GLY A 206 -7.83 -18.71 -9.94
C GLY A 206 -6.62 -17.90 -9.53
N VAL A 207 -6.03 -18.24 -8.38
CA VAL A 207 -4.92 -17.48 -7.80
C VAL A 207 -3.65 -17.49 -8.68
N ALA A 208 -3.31 -18.67 -9.21
CA ALA A 208 -2.18 -18.80 -10.12
C ALA A 208 -2.24 -17.83 -11.31
N ASP A 209 -3.41 -17.74 -11.95
CA ASP A 209 -3.61 -16.87 -13.12
C ASP A 209 -3.49 -15.38 -12.78
N ALA A 210 -4.09 -15.01 -11.63
CA ALA A 210 -4.00 -13.66 -11.13
C ALA A 210 -2.55 -13.21 -10.95
N VAL A 211 -1.72 -14.09 -10.39
CA VAL A 211 -0.30 -13.81 -10.20
C VAL A 211 0.43 -13.62 -11.54
N ALA A 212 0.18 -14.54 -12.48
CA ALA A 212 0.81 -14.51 -13.81
C ALA A 212 0.35 -13.31 -14.62
N ASN A 213 -0.92 -12.94 -14.48
CA ASN A 213 -1.46 -11.75 -15.15
C ASN A 213 -0.90 -10.42 -14.67
N CYS A 214 -0.20 -10.41 -13.53
CA CYS A 214 0.21 -9.14 -12.92
C CYS A 214 1.67 -9.10 -12.43
N THR A 215 2.57 -9.75 -13.17
CA THR A 215 4.00 -9.66 -12.86
C THR A 215 4.51 -8.23 -13.11
N LEU A 216 5.68 -7.91 -12.55
CA LEU A 216 6.36 -6.65 -12.82
C LEU A 216 6.39 -6.37 -14.34
N GLU A 217 6.74 -7.40 -15.12
CA GLU A 217 6.79 -7.32 -16.59
C GLU A 217 5.45 -6.93 -17.21
N ARG A 218 4.42 -7.75 -16.95
CA ARG A 218 3.07 -7.53 -17.50
C ARG A 218 2.50 -6.18 -17.05
N MET A 219 2.92 -5.76 -15.87
CA MET A 219 2.48 -4.51 -15.27
C MET A 219 3.03 -3.29 -16.04
N ARG A 220 4.35 -3.28 -16.26
CA ARG A 220 5.00 -2.16 -16.94
C ARG A 220 4.51 -2.01 -18.39
N GLU A 221 4.38 -3.16 -19.04
CA GLU A 221 3.85 -3.30 -20.39
C GLU A 221 2.43 -2.73 -20.47
N MET A 222 1.59 -3.10 -19.51
CA MET A 222 0.23 -2.56 -19.46
C MET A 222 0.17 -1.05 -19.13
N GLU A 223 1.08 -0.58 -18.28
CA GLU A 223 1.13 0.85 -17.92
C GLU A 223 1.59 1.69 -19.09
N GLU A 224 2.57 1.19 -19.83
CA GLU A 224 3.08 1.89 -21.03
C GLU A 224 2.05 1.92 -22.15
N ARG A 225 1.40 0.77 -22.38
CA ARG A 225 0.32 0.66 -23.35
C ARG A 225 -0.78 1.67 -23.06
N SER A 226 -1.12 1.85 -21.78
CA SER A 226 -2.15 2.80 -21.34
C SER A 226 -1.74 4.25 -21.51
N LYS A 227 -0.53 4.58 -21.07
CA LYS A 227 0.00 5.94 -21.22
C LYS A 227 -0.03 6.34 -22.69
N LEU A 228 0.29 5.39 -23.56
CA LEU A 228 0.38 5.66 -24.99
C LEU A 228 -0.98 5.84 -25.64
N LEU A 229 -1.99 5.14 -25.11
CA LEU A 229 -3.36 5.26 -25.59
C LEU A 229 -3.99 6.58 -25.19
N GLY A 230 -3.30 7.32 -24.32
CA GLY A 230 -3.79 8.58 -23.78
C GLY A 230 -4.36 8.46 -22.39
N LEU A 231 -4.73 7.25 -21.98
CA LEU A 231 -5.37 6.99 -20.67
C LEU A 231 -4.53 7.48 -19.47
N GLU A 232 -5.22 7.79 -18.37
CA GLU A 232 -4.57 8.31 -17.13
C GLU A 232 -3.75 7.24 -16.42
N THR A 233 -2.58 7.63 -15.92
CA THR A 233 -1.63 6.69 -15.31
C THR A 233 -0.98 7.18 -13.99
N THR A 234 -0.13 6.32 -13.40
CA THR A 234 0.55 6.53 -12.10
C THR A 234 -0.43 6.86 -10.97
N LYS A 254 17.79 -2.73 -2.76
CA LYS A 254 18.94 -1.84 -2.68
C LYS A 254 19.30 -1.48 -1.22
N SER A 255 20.15 -0.46 -1.08
CA SER A 255 20.64 -0.02 0.24
C SER A 255 20.77 1.49 0.32
N LEU A 256 20.98 1.99 1.53
CA LEU A 256 21.19 3.40 1.78
C LEU A 256 22.68 3.76 1.84
N LYS A 257 23.56 2.76 1.67
CA LYS A 257 25.01 2.95 1.81
C LYS A 257 25.59 3.96 0.80
N PHE A 258 25.12 3.90 -0.45
CA PHE A 258 25.55 4.80 -1.52
C PHE A 258 25.38 6.28 -1.17
N MET A 259 24.69 6.54 -0.06
CA MET A 259 24.29 7.90 0.30
C MET A 259 25.25 8.64 1.23
N GLY A 260 25.73 8.00 2.29
CA GLY A 260 26.76 8.65 3.09
C GLY A 260 27.12 8.23 4.51
N ASP A 261 26.85 6.98 4.89
CA ASP A 261 27.24 6.43 6.21
C ASP A 261 26.63 7.16 7.42
N ASP A 262 26.51 8.49 7.34
CA ASP A 262 25.87 9.26 8.40
C ASP A 262 24.34 9.30 8.22
N ILE A 263 23.88 8.83 7.05
CA ILE A 263 22.46 8.56 6.84
C ILE A 263 22.17 7.09 7.17
N GLU A 264 23.16 6.23 6.95
CA GLU A 264 23.09 4.85 7.40
C GLU A 264 22.90 4.79 8.91
N LYS A 265 23.68 5.60 9.63
CA LYS A 265 23.65 5.63 11.09
C LYS A 265 22.39 6.31 11.60
N ALA A 266 21.96 7.36 10.91
CA ALA A 266 20.71 8.05 11.25
C ALA A 266 19.49 7.12 11.09
N TYR A 267 19.49 6.30 10.04
CA TYR A 267 18.44 5.31 9.82
C TYR A 267 18.49 4.19 10.85
N ALA A 268 19.70 3.66 11.09
CA ALA A 268 19.92 2.56 12.03
C ALA A 268 19.55 2.97 13.44
N ASP A 269 19.86 4.21 13.80
CA ASP A 269 19.45 4.78 15.09
C ASP A 269 17.94 4.74 15.25
N LEU A 270 17.23 5.19 14.21
CA LEU A 270 15.77 5.17 14.19
C LEU A 270 15.23 3.74 14.18
N LEU A 271 15.85 2.89 13.37
CA LEU A 271 15.45 1.49 13.21
C LEU A 271 15.63 0.66 14.50
N HIS A 272 16.60 1.04 15.33
CA HIS A 272 16.86 0.31 16.58
C HIS A 272 16.58 1.12 17.84
N GLY A 273 15.92 2.27 17.68
CA GLY A 273 15.57 3.15 18.81
C GLY A 273 14.31 2.69 19.54
N GLU A 274 13.74 3.58 20.33
CA GLU A 274 12.57 3.22 21.16
C GLU A 274 11.23 3.85 20.71
N THR A 275 11.09 4.21 19.44
CA THR A 275 9.82 4.78 18.94
C THR A 275 8.89 3.69 18.35
N ASP A 276 7.63 4.05 18.07
CA ASP A 276 6.67 3.13 17.42
C ASP A 276 7.18 2.67 16.04
N PHE A 277 7.99 3.51 15.39
CA PHE A 277 8.66 3.12 14.16
C PHE A 277 9.47 1.83 14.37
N ALA A 278 10.40 1.86 15.32
CA ALA A 278 11.21 0.68 15.62
C ALA A 278 10.35 -0.52 16.01
N HIS A 279 9.28 -0.26 16.77
CA HIS A 279 8.35 -1.33 17.18
C HIS A 279 7.89 -2.10 15.94
N TYR A 280 7.40 -1.39 14.94
CA TYR A 280 6.77 -2.05 13.80
C TYR A 280 7.78 -2.67 12.86
N ALA A 281 8.96 -2.04 12.76
CA ALA A 281 10.09 -2.57 12.00
C ALA A 281 10.56 -3.93 12.55
N ARG A 282 10.62 -4.04 13.89
CA ARG A 282 10.93 -5.31 14.52
C ARG A 282 9.82 -6.32 14.31
N LEU A 283 8.57 -5.88 14.47
CA LEU A 283 7.42 -6.77 14.42
C LEU A 283 7.24 -7.40 13.04
N TYR A 284 7.52 -6.63 11.98
CA TYR A 284 7.36 -7.16 10.62
C TYR A 284 8.69 -7.46 9.96
N GLY A 285 9.70 -7.70 10.81
CA GLY A 285 10.97 -8.29 10.42
C GLY A 285 11.83 -7.44 9.51
N TYR A 286 11.89 -6.13 9.82
CA TYR A 286 12.65 -5.16 9.04
C TYR A 286 13.88 -4.62 9.78
N ALA A 287 14.08 -5.04 11.03
CA ALA A 287 15.29 -4.69 11.77
C ALA A 287 16.54 -5.45 11.27
S SO4 B . 2.42 1.61 -4.79
O1 SO4 B . 2.40 3.06 -4.94
O2 SO4 B . 1.48 0.96 -5.71
O3 SO4 B . 1.99 1.35 -3.42
O4 SO4 B . 3.76 1.06 -4.98
S SO4 C . 9.85 0.03 -6.41
O1 SO4 C . 10.24 1.42 -6.66
O2 SO4 C . 8.50 -0.02 -5.87
O3 SO4 C . 10.80 -0.53 -5.47
O4 SO4 C . 9.88 -0.76 -7.64
S SO4 D . -0.72 6.68 -5.17
O1 SO4 D . 0.73 6.56 -5.09
O2 SO4 D . -1.17 7.01 -6.53
O3 SO4 D . -1.40 5.43 -4.81
O4 SO4 D . -1.11 7.76 -4.24
#